data_2ZYV
#
_entry.id   2ZYV
#
_cell.length_a   155.241
_cell.length_b   67.793
_cell.length_c   42.904
_cell.angle_alpha   90.00
_cell.angle_beta   105.23
_cell.angle_gamma   90.00
#
_symmetry.space_group_name_H-M   'C 1 2 1'
#
loop_
_entity.id
_entity.type
_entity.pdbx_description
1 polymer 'Tyrosine-ester sulfotransferase'
2 non-polymer "3'-PHOSPHATE-ADENOSINE-5'-PHOSPHATE SULFATE"
3 non-polymer P-NITROPHENOL
4 non-polymer GLYCEROL
5 water water
#
_entity_poly.entity_id   1
_entity_poly.type   'polypeptide(L)'
_entity_poly.pdbx_seq_one_letter_code
;MDNKLDVFRRELVDVEGIPLFWSIAEHWSQVESFEARPDDILISTYPKSGTTWVSEILDLIYNNGDAEKCKRDAIYKRVP
FMELIIPGITNGVEMLNNMPSPRIVKTHLPVQLLPSSFWKNDCKIIYVARNAKDVVVSYYYFYQMAKIHPEPGTWEEFLE
KFMAGQVSFGPWYDHVKSWWEKRKEYRILYLFYEDMKENPKCEIQKILKFLEKDIPEEILNKILYHSSFSVMKENPSANY
TTMMKEEMDHSVSPFMRKGISGDWKNQFTVAQYEKFEEDYVKKMEDSTLKFRSEI
;
_entity_poly.pdbx_strand_id   X
#
loop_
_chem_comp.id
_chem_comp.type
_chem_comp.name
_chem_comp.formula
GOL non-polymer GLYCEROL 'C3 H8 O3'
NPO non-polymer P-NITROPHENOL 'C6 H5 N O3'
PPS non-polymer '3'-PHOSPHATE-ADENOSINE-5'-PHOSPHATE SULFATE' 'C10 H15 N5 O13 P2 S'
#
# COMPACT_ATOMS: atom_id res chain seq x y z
N ASP A 6 3.50 17.55 19.61
CA ASP A 6 3.60 17.40 18.13
C ASP A 6 3.53 15.93 17.68
N VAL A 7 2.40 15.53 17.08
CA VAL A 7 2.23 14.12 16.62
C VAL A 7 3.10 13.78 15.39
N PHE A 8 3.63 14.81 14.74
CA PHE A 8 4.41 14.65 13.51
C PHE A 8 5.92 14.55 13.70
N ARG A 9 6.59 13.94 12.71
CA ARG A 9 8.07 13.88 12.62
C ARG A 9 8.80 13.15 13.75
N ARG A 10 8.08 12.31 14.50
CA ARG A 10 8.71 11.52 15.56
C ARG A 10 9.51 10.34 15.03
N GLU A 11 10.40 9.81 15.88
CA GLU A 11 11.11 8.58 15.59
C GLU A 11 10.14 7.40 15.60
N LEU A 12 10.44 6.41 14.76
CA LEU A 12 9.65 5.16 14.73
C LEU A 12 9.86 4.36 16.02
N VAL A 13 8.91 3.48 16.30
CA VAL A 13 8.94 2.67 17.50
C VAL A 13 8.82 1.20 17.09
N ASP A 14 9.73 0.35 17.59
CA ASP A 14 9.72 -1.09 17.27
C ASP A 14 8.45 -1.77 17.77
N VAL A 15 7.79 -2.49 16.87
CA VAL A 15 6.65 -3.33 17.23
C VAL A 15 6.93 -4.74 16.71
N GLU A 16 7.13 -5.68 17.63
CA GLU A 16 7.48 -7.05 17.29
C GLU A 16 8.52 -7.11 16.18
N GLY A 17 9.57 -6.30 16.30
CA GLY A 17 10.69 -6.30 15.36
C GLY A 17 10.64 -5.31 14.19
N ILE A 18 9.51 -4.61 14.03
CA ILE A 18 9.28 -3.74 12.86
C ILE A 18 9.10 -2.27 13.27
N PRO A 19 9.80 -1.33 12.60
CA PRO A 19 9.58 0.09 12.97
C PRO A 19 8.22 0.57 12.49
N LEU A 20 7.39 1.00 13.45
CA LEU A 20 6.08 1.58 13.14
C LEU A 20 5.92 2.97 13.74
N PHE A 21 4.93 3.73 13.25
CA PHE A 21 4.61 5.03 13.84
C PHE A 21 4.37 4.87 15.33
N TRP A 22 4.84 5.86 16.10
CA TRP A 22 4.73 5.84 17.56
C TRP A 22 3.31 5.55 18.05
N SER A 23 2.31 6.08 17.35
CA SER A 23 0.93 5.98 17.79
C SER A 23 0.32 4.62 17.49
N ILE A 24 0.82 3.97 16.43
CA ILE A 24 0.44 2.58 16.15
C ILE A 24 0.97 1.65 17.24
N ALA A 25 2.25 1.83 17.59
CA ALA A 25 2.86 1.06 18.67
C ALA A 25 2.11 1.24 20.00
N GLU A 26 1.73 2.48 20.28
CA GLU A 26 1.02 2.81 21.51
C GLU A 26 -0.37 2.16 21.61
N HIS A 27 -0.98 1.88 20.46
CA HIS A 27 -2.29 1.24 20.41
C HIS A 27 -2.25 -0.15 19.79
N TRP A 28 -1.10 -0.81 19.89
CA TRP A 28 -0.91 -2.07 19.22
C TRP A 28 -1.91 -3.17 19.64
N SER A 29 -2.27 -3.24 20.92
CA SER A 29 -3.22 -4.27 21.36
C SER A 29 -4.56 -4.18 20.62
N GLN A 30 -4.96 -2.96 20.26
CA GLN A 30 -6.21 -2.70 19.56
CA GLN A 30 -6.23 -2.76 19.57
C GLN A 30 -6.11 -3.21 18.11
N VAL A 31 -4.91 -3.13 17.56
CA VAL A 31 -4.64 -3.64 16.21
C VAL A 31 -4.58 -5.17 16.22
N GLU A 32 -3.76 -5.74 17.10
CA GLU A 32 -3.63 -7.20 17.13
C GLU A 32 -4.93 -7.96 17.45
N SER A 33 -5.83 -7.32 18.19
CA SER A 33 -7.15 -7.92 18.47
C SER A 33 -8.23 -7.57 17.45
N PHE A 34 -7.85 -6.93 16.34
CA PHE A 34 -8.82 -6.57 15.32
C PHE A 34 -9.66 -7.76 14.89
N GLU A 35 -10.97 -7.56 14.83
CA GLU A 35 -11.90 -8.62 14.41
C GLU A 35 -12.23 -8.52 12.93
N ALA A 36 -11.64 -9.42 12.15
CA ALA A 36 -11.95 -9.54 10.73
C ALA A 36 -13.30 -10.25 10.55
N ARG A 37 -13.81 -10.25 9.32
CA ARG A 37 -15.07 -10.91 8.97
C ARG A 37 -14.80 -11.77 7.73
N PRO A 38 -15.55 -12.87 7.56
CA PRO A 38 -15.21 -13.78 6.47
C PRO A 38 -15.21 -13.15 5.06
N ASP A 39 -16.03 -12.13 4.84
CA ASP A 39 -16.14 -11.52 3.51
C ASP A 39 -15.34 -10.21 3.36
N ASP A 40 -14.49 -9.91 4.34
CA ASP A 40 -13.56 -8.78 4.21
C ASP A 40 -12.64 -9.08 3.05
N ILE A 41 -12.32 -8.05 2.26
CA ILE A 41 -11.19 -8.16 1.33
C ILE A 41 -10.04 -7.30 1.84
N LEU A 42 -8.91 -7.93 2.09
CA LEU A 42 -7.73 -7.23 2.59
C LEU A 42 -6.85 -6.85 1.42
N ILE A 43 -6.59 -5.55 1.27
CA ILE A 43 -5.55 -5.08 0.35
C ILE A 43 -4.29 -4.87 1.17
N SER A 44 -3.25 -5.60 0.81
CA SER A 44 -2.02 -5.62 1.58
C SER A 44 -0.84 -5.21 0.70
N THR A 45 -0.09 -4.21 1.14
CA THR A 45 1.05 -3.76 0.34
C THR A 45 2.17 -3.24 1.22
N TYR A 46 3.39 -3.33 0.73
CA TYR A 46 4.45 -2.49 1.25
C TYR A 46 4.13 -1.06 0.80
N PRO A 47 4.40 -0.04 1.65
CA PRO A 47 4.05 1.32 1.23
C PRO A 47 4.51 1.68 -0.20
N LYS A 48 3.69 2.46 -0.91
CA LYS A 48 4.04 3.04 -2.22
C LYS A 48 4.01 2.02 -3.34
N SER A 49 3.32 0.90 -3.13
CA SER A 49 3.36 -0.18 -4.12
C SER A 49 2.09 -0.29 -4.99
N GLY A 50 1.14 0.62 -4.78
CA GLY A 50 -0.09 0.63 -5.61
C GLY A 50 -1.34 0.41 -4.76
N THR A 51 -1.23 0.68 -3.46
CA THR A 51 -2.35 0.49 -2.54
C THR A 51 -3.58 1.31 -2.95
N THR A 52 -3.37 2.60 -3.23
CA THR A 52 -4.49 3.49 -3.54
C THR A 52 -5.13 3.08 -4.86
N TRP A 53 -4.27 2.73 -5.82
CA TRP A 53 -4.69 2.29 -7.15
C TRP A 53 -5.62 1.09 -7.03
N VAL A 54 -5.17 0.04 -6.35
CA VAL A 54 -6.01 -1.15 -6.19
C VAL A 54 -7.23 -0.91 -5.29
N SER A 55 -7.10 -0.06 -4.27
CA SER A 55 -8.26 0.29 -3.43
C SER A 55 -9.37 0.97 -4.24
N GLU A 56 -8.99 1.88 -5.15
CA GLU A 56 -9.96 2.54 -6.02
C GLU A 56 -10.60 1.52 -6.97
N ILE A 57 -9.78 0.66 -7.57
CA ILE A 57 -10.30 -0.42 -8.43
C ILE A 57 -11.36 -1.26 -7.70
N LEU A 58 -11.01 -1.71 -6.49
CA LEU A 58 -11.94 -2.52 -5.69
C LEU A 58 -13.23 -1.78 -5.36
N ASP A 59 -13.13 -0.53 -4.95
CA ASP A 59 -14.35 0.24 -4.66
C ASP A 59 -15.20 0.47 -5.93
N LEU A 60 -14.56 0.70 -7.07
CA LEU A 60 -15.26 0.79 -8.36
C LEU A 60 -15.97 -0.54 -8.70
N ILE A 61 -15.29 -1.67 -8.51
CA ILE A 61 -15.90 -3.01 -8.70
C ILE A 61 -17.14 -3.20 -7.81
N TYR A 62 -16.99 -2.86 -6.54
CA TYR A 62 -18.08 -2.99 -5.58
C TYR A 62 -19.26 -2.08 -5.88
N ASN A 63 -18.99 -1.00 -6.62
CA ASN A 63 -20.02 -0.02 -6.98
C ASN A 63 -20.36 -0.03 -8.47
N ASN A 64 -19.97 -1.09 -9.16
CA ASN A 64 -20.28 -1.28 -10.58
C ASN A 64 -19.77 -0.21 -11.53
N GLY A 65 -18.62 0.36 -11.21
CA GLY A 65 -18.01 1.39 -12.03
C GLY A 65 -18.65 2.76 -11.90
N ASP A 66 -19.51 2.93 -10.89
CA ASP A 66 -20.22 4.19 -10.68
C ASP A 66 -19.32 5.24 -10.02
N ALA A 67 -18.84 6.18 -10.82
CA ALA A 67 -17.90 7.21 -10.37
C ALA A 67 -18.43 8.08 -9.23
N GLU A 68 -19.72 8.44 -9.29
CA GLU A 68 -20.29 9.29 -8.24
C GLU A 68 -20.34 8.58 -6.90
N LYS A 69 -20.75 7.32 -6.91
CA LYS A 69 -20.80 6.53 -5.68
C LYS A 69 -19.40 6.43 -5.06
N CYS A 70 -18.38 6.31 -5.91
CA CYS A 70 -17.01 6.22 -5.41
C CYS A 70 -16.46 7.60 -4.94
N LYS A 71 -17.27 8.64 -5.10
CA LYS A 71 -16.96 9.98 -4.59
C LYS A 71 -17.71 10.36 -3.29
N ARG A 72 -18.41 9.38 -2.72
CA ARG A 72 -19.12 9.53 -1.45
C ARG A 72 -18.19 9.96 -0.32
N ASP A 73 -16.92 9.57 -0.38
CA ASP A 73 -15.92 10.02 0.55
C ASP A 73 -14.53 9.79 0.02
N ALA A 74 -13.54 10.31 0.75
CA ALA A 74 -12.12 10.12 0.39
C ALA A 74 -11.77 8.64 0.47
N ILE A 75 -10.80 8.22 -0.33
CA ILE A 75 -10.40 6.81 -0.38
C ILE A 75 -10.01 6.29 1.00
N TYR A 76 -9.38 7.15 1.82
CA TYR A 76 -8.91 6.74 3.15
C TYR A 76 -10.03 6.53 4.17
N LYS A 77 -11.25 6.91 3.79
CA LYS A 77 -12.45 6.59 4.58
C LYS A 77 -13.21 5.44 3.93
N ARG A 78 -13.17 5.37 2.61
CA ARG A 78 -13.86 4.29 1.90
C ARG A 78 -13.17 2.96 2.15
N VAL A 79 -11.83 3.00 2.20
CA VAL A 79 -11.00 1.81 2.37
C VAL A 79 -10.04 2.14 3.52
N PRO A 80 -10.48 1.91 4.77
CA PRO A 80 -9.71 2.32 5.95
C PRO A 80 -8.34 1.64 6.05
N PHE A 81 -7.35 2.43 6.45
CA PHE A 81 -5.99 1.99 6.75
C PHE A 81 -6.04 1.43 8.19
N MET A 82 -6.17 0.11 8.31
CA MET A 82 -6.54 -0.56 9.55
C MET A 82 -5.67 -0.16 10.75
N GLU A 83 -4.36 -0.34 10.63
CA GLU A 83 -3.46 -0.14 11.77
C GLU A 83 -3.15 1.32 12.07
N LEU A 84 -3.53 2.23 11.17
CA LEU A 84 -3.20 3.64 11.36
C LEU A 84 -4.11 4.25 12.41
N ILE A 85 -3.54 4.47 13.59
CA ILE A 85 -4.23 5.11 14.70
C ILE A 85 -3.35 6.28 15.13
N ILE A 86 -3.92 7.47 15.14
CA ILE A 86 -3.18 8.68 15.53
C ILE A 86 -4.13 9.48 16.41
N PRO A 87 -3.75 9.72 17.67
CA PRO A 87 -4.74 10.40 18.53
C PRO A 87 -5.10 11.78 18.00
N GLY A 88 -6.40 12.06 18.04
CA GLY A 88 -6.95 13.32 17.57
C GLY A 88 -7.13 13.38 16.06
N ILE A 89 -6.65 12.37 15.35
CA ILE A 89 -6.63 12.43 13.90
C ILE A 89 -7.42 11.29 13.23
N THR A 90 -7.10 10.05 13.55
CA THR A 90 -7.71 8.90 12.86
C THR A 90 -7.55 7.62 13.67
N ASN A 91 -8.47 6.68 13.46
CA ASN A 91 -8.37 5.35 14.05
C ASN A 91 -8.92 4.33 13.08
N GLY A 92 -8.05 3.63 12.35
CA GLY A 92 -8.51 2.69 11.32
C GLY A 92 -9.33 1.53 11.87
N VAL A 93 -8.97 1.07 13.06
CA VAL A 93 -9.66 -0.06 13.69
C VAL A 93 -11.12 0.31 13.99
N GLU A 94 -11.30 1.49 14.59
CA GLU A 94 -12.66 1.95 14.92
C GLU A 94 -13.47 2.27 13.67
N MET A 95 -12.83 2.86 12.65
CA MET A 95 -13.49 3.09 11.37
C MET A 95 -14.02 1.79 10.79
N LEU A 96 -13.19 0.76 10.78
CA LEU A 96 -13.60 -0.54 10.27
C LEU A 96 -14.65 -1.22 11.15
N ASN A 97 -14.49 -1.11 12.47
CA ASN A 97 -15.44 -1.71 13.41
C ASN A 97 -16.87 -1.23 13.11
N ASN A 98 -17.00 0.02 12.69
CA ASN A 98 -18.29 0.67 12.44
C ASN A 98 -18.75 0.63 10.98
N MET A 99 -18.00 -0.10 10.15
CA MET A 99 -18.30 -0.19 8.74
C MET A 99 -19.09 -1.45 8.40
N PRO A 100 -20.18 -1.30 7.60
CA PRO A 100 -20.96 -2.46 7.15
C PRO A 100 -20.17 -3.35 6.18
N SER A 101 -20.43 -4.65 6.23
CA SER A 101 -19.87 -5.58 5.25
C SER A 101 -20.54 -5.35 3.88
N PRO A 102 -19.86 -5.72 2.78
CA PRO A 102 -18.50 -6.25 2.71
C PRO A 102 -17.46 -5.13 2.82
N ARG A 103 -16.47 -5.33 3.68
CA ARG A 103 -15.46 -4.30 3.91
C ARG A 103 -14.25 -4.49 3.03
N ILE A 104 -13.68 -3.38 2.58
CA ILE A 104 -12.37 -3.39 1.95
C ILE A 104 -11.39 -2.80 2.97
N VAL A 105 -10.34 -3.55 3.26
CA VAL A 105 -9.45 -3.21 4.38
C VAL A 105 -8.07 -2.97 3.80
N LYS A 106 -7.40 -1.88 4.20
CA LYS A 106 -6.06 -1.61 3.76
C LYS A 106 -5.07 -1.91 4.90
N THR A 107 -3.93 -2.51 4.56
CA THR A 107 -2.84 -2.65 5.55
C THR A 107 -1.48 -2.54 4.85
N HIS A 108 -0.46 -2.17 5.62
CA HIS A 108 0.91 -2.33 5.19
C HIS A 108 1.68 -3.30 6.09
N LEU A 109 0.99 -4.03 6.96
CA LEU A 109 1.68 -4.87 7.95
C LEU A 109 2.41 -6.03 7.30
N PRO A 110 3.67 -6.27 7.72
CA PRO A 110 4.36 -7.50 7.35
C PRO A 110 3.51 -8.68 7.80
N VAL A 111 3.62 -9.81 7.11
CA VAL A 111 2.76 -10.97 7.40
C VAL A 111 2.72 -11.36 8.86
N GLN A 112 3.88 -11.40 9.51
CA GLN A 112 4.01 -11.86 10.89
CA GLN A 112 3.93 -11.91 10.87
C GLN A 112 3.32 -10.94 11.90
N LEU A 113 2.98 -9.73 11.46
CA LEU A 113 2.27 -8.76 12.31
C LEU A 113 0.78 -8.64 12.01
N LEU A 114 0.30 -9.29 10.96
CA LEU A 114 -1.12 -9.17 10.61
C LEU A 114 -1.96 -9.73 11.76
N PRO A 115 -3.04 -9.03 12.16
CA PRO A 115 -3.93 -9.57 13.20
C PRO A 115 -4.42 -10.97 12.83
N SER A 116 -4.39 -11.88 13.79
CA SER A 116 -4.62 -13.31 13.49
C SER A 116 -6.04 -13.60 13.00
N SER A 117 -6.97 -12.70 13.29
CA SER A 117 -8.38 -12.84 12.86
C SER A 117 -8.52 -13.00 11.35
N PHE A 118 -7.63 -12.36 10.59
CA PHE A 118 -7.66 -12.52 9.13
C PHE A 118 -7.38 -13.95 8.70
N TRP A 119 -6.44 -14.59 9.39
CA TRP A 119 -6.09 -15.99 9.11
C TRP A 119 -7.23 -16.89 9.57
N LYS A 120 -7.75 -16.61 10.77
CA LYS A 120 -8.83 -17.41 11.35
C LYS A 120 -10.11 -17.35 10.51
N ASN A 121 -10.37 -16.19 9.91
CA ASN A 121 -11.51 -16.02 9.02
C ASN A 121 -11.23 -16.42 7.56
N ASP A 122 -10.00 -16.85 7.27
CA ASP A 122 -9.61 -17.29 5.91
C ASP A 122 -9.97 -16.24 4.84
N CYS A 123 -9.76 -14.98 5.17
CA CYS A 123 -10.14 -13.87 4.26
C CYS A 123 -9.36 -13.95 2.96
N LYS A 124 -9.97 -13.48 1.89
CA LYS A 124 -9.25 -13.27 0.62
C LYS A 124 -8.40 -12.02 0.77
N ILE A 125 -7.20 -12.07 0.24
CA ILE A 125 -6.26 -10.98 0.38
C ILE A 125 -5.72 -10.66 -1.03
N ILE A 126 -5.63 -9.37 -1.35
CA ILE A 126 -4.95 -8.96 -2.56
C ILE A 126 -3.67 -8.28 -2.16
N TYR A 127 -2.54 -8.87 -2.54
CA TYR A 127 -1.23 -8.28 -2.25
C TYR A 127 -0.70 -7.60 -3.50
N VAL A 128 -0.20 -6.37 -3.37
CA VAL A 128 0.42 -5.70 -4.51
C VAL A 128 1.89 -5.42 -4.20
N ALA A 129 2.76 -5.87 -5.10
CA ALA A 129 4.19 -5.64 -5.00
C ALA A 129 4.61 -4.74 -6.15
N ARG A 130 5.70 -4.00 -5.93
CA ARG A 130 6.23 -3.09 -6.92
C ARG A 130 7.75 -3.17 -6.82
N ASN A 131 8.46 -2.94 -7.92
CA ASN A 131 9.91 -3.13 -7.90
C ASN A 131 10.54 -2.18 -6.88
N ALA A 132 11.51 -2.70 -6.14
CA ALA A 132 12.08 -2.00 -4.98
C ALA A 132 12.62 -0.62 -5.30
N LYS A 133 13.31 -0.49 -6.44
CA LYS A 133 13.89 0.80 -6.83
C LYS A 133 12.83 1.90 -7.01
N ASP A 134 11.72 1.60 -7.68
CA ASP A 134 10.63 2.55 -7.81
C ASP A 134 9.96 2.80 -6.46
N VAL A 135 9.85 1.77 -5.61
CA VAL A 135 9.28 1.96 -4.27
C VAL A 135 10.08 2.98 -3.44
N VAL A 136 11.40 2.80 -3.38
CA VAL A 136 12.20 3.65 -2.53
C VAL A 136 12.16 5.11 -2.97
N VAL A 137 12.15 5.35 -4.29
CA VAL A 137 11.97 6.71 -4.82
C VAL A 137 10.62 7.30 -4.41
N SER A 138 9.54 6.55 -4.67
CA SER A 138 8.21 6.99 -4.24
C SER A 138 8.13 7.26 -2.74
N TYR A 139 8.77 6.40 -1.94
CA TYR A 139 8.70 6.48 -0.49
C TYR A 139 9.49 7.69 0.02
N TYR A 140 10.59 8.00 -0.68
CA TYR A 140 11.41 9.18 -0.33
C TYR A 140 10.58 10.46 -0.39
N TYR A 141 9.95 10.70 -1.54
CA TYR A 141 9.08 11.88 -1.72
C TYR A 141 7.89 11.85 -0.77
N PHE A 142 7.31 10.68 -0.59
CA PHE A 142 6.23 10.52 0.40
C PHE A 142 6.66 10.87 1.84
N TYR A 143 7.83 10.39 2.28
CA TYR A 143 8.34 10.77 3.59
C TYR A 143 8.41 12.28 3.76
N GLN A 144 8.76 12.97 2.67
CA GLN A 144 8.89 14.43 2.69
C GLN A 144 7.53 15.09 2.87
N MET A 145 6.51 14.58 2.18
CA MET A 145 5.20 15.24 2.17
C MET A 145 4.29 14.81 3.32
N ALA A 146 4.43 13.54 3.73
CA ALA A 146 3.54 12.95 4.74
C ALA A 146 4.20 13.03 6.11
N LYS A 147 3.80 14.05 6.88
CA LYS A 147 4.53 14.50 8.06
C LYS A 147 4.53 13.55 9.28
N ILE A 148 3.69 12.51 9.26
CA ILE A 148 3.75 11.53 10.36
C ILE A 148 5.09 10.76 10.36
N HIS A 149 5.75 10.67 9.19
CA HIS A 149 7.04 9.98 9.06
C HIS A 149 8.15 10.79 9.70
N PRO A 150 9.24 10.12 10.12
CA PRO A 150 10.42 10.86 10.57
C PRO A 150 11.01 11.60 9.37
N GLU A 151 11.83 12.64 9.61
CA GLU A 151 12.55 13.28 8.51
C GLU A 151 13.33 12.26 7.68
N PRO A 152 13.16 12.27 6.35
CA PRO A 152 13.88 11.27 5.55
C PRO A 152 15.39 11.55 5.42
N GLY A 153 15.78 12.80 5.62
CA GLY A 153 17.16 13.22 5.34
C GLY A 153 17.35 13.43 3.86
N THR A 154 18.59 13.30 3.40
CA THR A 154 18.89 13.40 1.98
C THR A 154 18.49 12.10 1.27
N TRP A 155 18.36 12.15 -0.05
CA TRP A 155 18.12 10.95 -0.84
C TRP A 155 19.10 9.85 -0.47
N GLU A 156 20.39 10.19 -0.37
CA GLU A 156 21.43 9.22 -0.09
C GLU A 156 21.21 8.56 1.27
N GLU A 157 20.88 9.37 2.26
CA GLU A 157 20.61 8.88 3.60
C GLU A 157 19.36 8.00 3.63
N PHE A 158 18.32 8.45 2.93
CA PHE A 158 17.07 7.67 2.89
C PHE A 158 17.30 6.35 2.17
N LEU A 159 18.03 6.38 1.06
CA LEU A 159 18.34 5.15 0.32
C LEU A 159 18.98 4.10 1.22
N GLU A 160 19.92 4.55 2.06
CA GLU A 160 20.63 3.64 2.96
C GLU A 160 19.69 3.08 4.01
N LYS A 161 18.84 3.94 4.57
CA LYS A 161 17.86 3.49 5.55
C LYS A 161 16.91 2.44 4.95
N PHE A 162 16.44 2.68 3.72
CA PHE A 162 15.55 1.75 3.04
C PHE A 162 16.24 0.39 2.85
N MET A 163 17.48 0.40 2.38
CA MET A 163 18.21 -0.85 2.17
C MET A 163 18.39 -1.62 3.49
N ALA A 164 18.52 -0.88 4.60
CA ALA A 164 18.69 -1.45 5.93
C ALA A 164 17.36 -1.80 6.61
N GLY A 165 16.25 -1.50 5.95
CA GLY A 165 14.94 -1.72 6.54
C GLY A 165 14.57 -0.81 7.70
N GLN A 166 15.29 0.32 7.82
CA GLN A 166 15.04 1.28 8.89
CA GLN A 166 15.09 1.30 8.88
C GLN A 166 14.08 2.37 8.44
N VAL A 167 12.92 1.91 7.95
CA VAL A 167 11.89 2.81 7.47
C VAL A 167 10.55 2.27 7.99
N SER A 168 9.52 3.10 7.96
CA SER A 168 8.21 2.72 8.46
C SER A 168 7.72 1.45 7.74
N PHE A 169 7.28 0.48 8.52
CA PHE A 169 6.85 -0.87 8.08
C PHE A 169 8.00 -1.84 7.75
N GLY A 170 9.23 -1.42 8.02
CA GLY A 170 10.37 -2.34 7.96
C GLY A 170 10.90 -2.55 6.54
N PRO A 171 11.69 -3.63 6.34
CA PRO A 171 12.34 -3.89 5.05
C PRO A 171 11.39 -4.33 3.97
N TRP A 172 11.50 -3.70 2.81
CA TRP A 172 10.75 -4.13 1.61
C TRP A 172 11.01 -5.61 1.30
N TYR A 173 12.28 -6.03 1.40
CA TYR A 173 12.69 -7.36 0.94
C TYR A 173 11.92 -8.44 1.67
N ASP A 174 11.91 -8.37 3.00
CA ASP A 174 11.20 -9.32 3.84
CA ASP A 174 11.20 -9.33 3.84
C ASP A 174 9.69 -9.23 3.65
N HIS A 175 9.19 -8.01 3.46
CA HIS A 175 7.76 -7.79 3.28
C HIS A 175 7.27 -8.58 2.06
N VAL A 176 7.86 -8.30 0.89
CA VAL A 176 7.40 -8.95 -0.34
C VAL A 176 7.68 -10.46 -0.29
N LYS A 177 8.84 -10.86 0.24
CA LYS A 177 9.21 -12.29 0.22
C LYS A 177 8.29 -13.13 1.09
N SER A 178 7.98 -12.64 2.28
CA SER A 178 7.15 -13.38 3.23
C SER A 178 5.70 -13.44 2.81
N TRP A 179 5.17 -12.32 2.30
CA TRP A 179 3.85 -12.32 1.70
C TRP A 179 3.73 -13.27 0.49
N TRP A 180 4.78 -13.35 -0.30
CA TRP A 180 4.86 -14.31 -1.42
C TRP A 180 4.74 -15.75 -0.91
N GLU A 181 5.52 -16.09 0.10
CA GLU A 181 5.47 -17.43 0.72
C GLU A 181 4.08 -17.77 1.29
N LYS A 182 3.42 -16.75 1.84
CA LYS A 182 2.13 -16.92 2.47
C LYS A 182 1.04 -17.33 1.48
N ARG A 183 1.26 -17.07 0.19
CA ARG A 183 0.26 -17.37 -0.84
C ARG A 183 -0.01 -18.89 -0.90
N LYS A 184 0.91 -19.67 -0.34
CA LYS A 184 0.76 -21.14 -0.32
CA LYS A 184 0.77 -21.13 -0.30
C LYS A 184 -0.17 -21.60 0.81
N GLU A 185 -0.45 -20.71 1.77
CA GLU A 185 -1.29 -21.05 2.93
C GLU A 185 -2.67 -20.41 2.92
N TYR A 186 -2.78 -19.22 2.32
CA TYR A 186 -4.03 -18.46 2.30
C TYR A 186 -4.31 -17.99 0.87
N ARG A 187 -5.54 -17.56 0.64
CA ARG A 187 -5.99 -17.12 -0.67
C ARG A 187 -5.49 -15.70 -0.87
N ILE A 188 -4.31 -15.60 -1.47
CA ILE A 188 -3.67 -14.32 -1.75
C ILE A 188 -3.46 -14.19 -3.23
N LEU A 189 -4.12 -13.20 -3.82
CA LEU A 189 -3.87 -12.86 -5.22
C LEU A 189 -2.70 -11.89 -5.20
N TYR A 190 -1.56 -12.32 -5.74
CA TYR A 190 -0.33 -11.56 -5.61
C TYR A 190 -0.08 -10.85 -6.93
N LEU A 191 -0.27 -9.52 -6.90
CA LEU A 191 -0.22 -8.69 -8.11
C LEU A 191 1.03 -7.83 -8.13
N PHE A 192 1.41 -7.39 -9.33
CA PHE A 192 2.57 -6.52 -9.51
C PHE A 192 2.17 -5.21 -10.14
N TYR A 193 2.63 -4.13 -9.54
CA TYR A 193 2.37 -2.77 -10.03
C TYR A 193 2.72 -2.66 -11.51
N GLU A 194 3.85 -3.25 -11.90
CA GLU A 194 4.34 -3.15 -13.29
C GLU A 194 3.41 -3.83 -14.30
N ASP A 195 2.77 -4.91 -13.88
CA ASP A 195 1.77 -5.60 -14.70
C ASP A 195 0.52 -4.76 -14.87
N MET A 196 0.14 -4.04 -13.81
CA MET A 196 -1.01 -3.14 -13.85
CA MET A 196 -1.02 -3.16 -13.90
C MET A 196 -0.72 -1.97 -14.81
N LYS A 197 0.52 -1.51 -14.81
CA LYS A 197 0.94 -0.46 -15.75
C LYS A 197 0.86 -0.94 -17.19
N GLU A 198 1.37 -2.14 -17.43
CA GLU A 198 1.50 -2.67 -18.79
C GLU A 198 0.15 -3.06 -19.39
N ASN A 199 -0.68 -3.72 -18.58
CA ASN A 199 -1.94 -4.25 -19.07
C ASN A 199 -2.98 -4.23 -17.96
N PRO A 200 -3.52 -3.04 -17.67
CA PRO A 200 -4.46 -2.91 -16.55
C PRO A 200 -5.71 -3.78 -16.72
N LYS A 201 -6.19 -3.92 -17.96
CA LYS A 201 -7.38 -4.73 -18.19
C LYS A 201 -7.18 -6.15 -17.69
N CYS A 202 -6.04 -6.74 -18.05
CA CYS A 202 -5.68 -8.11 -17.68
C CYS A 202 -5.63 -8.27 -16.17
N GLU A 203 -5.03 -7.29 -15.50
CA GLU A 203 -4.92 -7.37 -14.03
C GLU A 203 -6.27 -7.21 -13.34
N ILE A 204 -7.11 -6.29 -13.82
CA ILE A 204 -8.44 -6.16 -13.24
C ILE A 204 -9.27 -7.44 -13.49
N GLN A 205 -9.07 -8.07 -14.65
CA GLN A 205 -9.74 -9.37 -14.92
C GLN A 205 -9.31 -10.44 -13.91
N LYS A 206 -8.02 -10.47 -13.59
CA LYS A 206 -7.53 -11.34 -12.52
C LYS A 206 -8.22 -11.05 -11.17
N ILE A 207 -8.34 -9.77 -10.82
CA ILE A 207 -9.04 -9.38 -9.58
C ILE A 207 -10.49 -9.89 -9.61
N LEU A 208 -11.19 -9.64 -10.72
CA LEU A 208 -12.59 -10.10 -10.83
C LEU A 208 -12.77 -11.60 -10.66
N LYS A 209 -11.87 -12.38 -11.29
CA LYS A 209 -11.90 -13.84 -11.20
C LYS A 209 -11.66 -14.28 -9.75
N PHE A 210 -10.69 -13.64 -9.10
CA PHE A 210 -10.39 -13.92 -7.70
C PHE A 210 -11.58 -13.62 -6.80
N LEU A 211 -12.28 -12.54 -7.11
CA LEU A 211 -13.46 -12.14 -6.33
C LEU A 211 -14.70 -12.95 -6.70
N GLU A 212 -14.57 -13.82 -7.70
CA GLU A 212 -15.72 -14.61 -8.20
C GLU A 212 -16.84 -13.73 -8.73
N LYS A 213 -16.47 -12.66 -9.45
CA LYS A 213 -17.43 -11.75 -10.07
C LYS A 213 -17.21 -11.74 -11.56
N ASP A 214 -18.31 -11.79 -12.30
CA ASP A 214 -18.34 -11.70 -13.76
C ASP A 214 -19.15 -10.45 -14.05
N ILE A 215 -18.54 -9.49 -14.74
CA ILE A 215 -19.20 -8.22 -15.05
C ILE A 215 -19.18 -7.95 -16.56
N PRO A 216 -20.11 -7.12 -17.05
CA PRO A 216 -20.08 -6.79 -18.48
C PRO A 216 -18.80 -6.05 -18.91
N GLU A 217 -18.36 -6.32 -20.13
CA GLU A 217 -17.22 -5.60 -20.70
C GLU A 217 -17.35 -4.08 -20.56
N GLU A 218 -18.57 -3.56 -20.70
CA GLU A 218 -18.78 -2.11 -20.57
C GLU A 218 -18.45 -1.56 -19.20
N ILE A 219 -18.79 -2.33 -18.16
CA ILE A 219 -18.48 -1.96 -16.78
C ILE A 219 -16.98 -2.11 -16.52
N LEU A 220 -16.39 -3.19 -17.03
CA LEU A 220 -14.93 -3.36 -16.97
C LEU A 220 -14.21 -2.14 -17.57
N ASN A 221 -14.66 -1.68 -18.72
CA ASN A 221 -14.03 -0.52 -19.36
C ASN A 221 -14.22 0.76 -18.56
N LYS A 222 -15.37 0.86 -17.88
CA LYS A 222 -15.65 2.00 -17.02
C LYS A 222 -14.71 2.02 -15.80
N ILE A 223 -14.49 0.84 -15.22
CA ILE A 223 -13.56 0.67 -14.11
C ILE A 223 -12.14 1.03 -14.55
N LEU A 224 -11.74 0.57 -15.73
CA LEU A 224 -10.44 0.88 -16.29
C LEU A 224 -10.24 2.38 -16.49
N TYR A 225 -11.25 3.06 -17.01
CA TYR A 225 -11.12 4.49 -17.29
C TYR A 225 -10.91 5.26 -16.00
N HIS A 226 -11.73 4.97 -15.00
CA HIS A 226 -11.71 5.74 -13.76
C HIS A 226 -10.54 5.42 -12.82
N SER A 227 -9.86 4.31 -13.07
CA SER A 227 -8.73 3.90 -12.23
C SER A 227 -7.38 4.28 -12.88
N SER A 228 -7.45 4.96 -14.03
CA SER A 228 -6.24 5.40 -14.71
C SER A 228 -5.57 6.52 -13.90
N PHE A 229 -4.26 6.66 -14.04
CA PHE A 229 -3.53 7.67 -13.31
C PHE A 229 -4.05 9.08 -13.61
N SER A 230 -4.27 9.38 -14.88
CA SER A 230 -4.67 10.75 -15.25
C SER A 230 -6.03 11.14 -14.67
N VAL A 231 -6.94 10.17 -14.50
CA VAL A 231 -8.23 10.43 -13.83
C VAL A 231 -8.08 10.50 -12.32
N MET A 232 -7.40 9.52 -11.73
CA MET A 232 -7.22 9.50 -10.28
C MET A 232 -6.43 10.70 -9.74
N LYS A 233 -5.44 11.16 -10.48
CA LYS A 233 -4.59 12.28 -10.03
CA LYS A 233 -4.60 12.25 -9.99
C LYS A 233 -5.40 13.55 -9.79
N GLU A 234 -6.47 13.72 -10.56
CA GLU A 234 -7.29 14.94 -10.49
C GLU A 234 -8.55 14.74 -9.67
N ASN A 235 -8.72 13.52 -9.17
CA ASN A 235 -9.90 13.15 -8.41
C ASN A 235 -9.68 13.40 -6.92
N PRO A 236 -10.34 14.44 -6.36
CA PRO A 236 -10.12 14.78 -4.94
C PRO A 236 -10.48 13.66 -3.95
N SER A 237 -11.36 12.75 -4.38
CA SER A 237 -11.76 11.61 -3.55
C SER A 237 -10.71 10.51 -3.52
N ALA A 238 -9.72 10.61 -4.42
CA ALA A 238 -8.70 9.55 -4.54
C ALA A 238 -7.25 10.05 -4.41
N ASN A 239 -7.03 11.36 -4.50
CA ASN A 239 -5.67 11.88 -4.62
C ASN A 239 -5.06 12.49 -3.33
N TYR A 240 -5.76 12.28 -2.21
CA TYR A 240 -5.34 12.69 -0.87
C TYR A 240 -5.28 14.21 -0.61
N THR A 241 -5.75 15.01 -1.56
CA THR A 241 -5.76 16.49 -1.39
C THR A 241 -6.78 16.97 -0.36
N THR A 242 -7.66 16.07 0.09
CA THR A 242 -8.60 16.36 1.18
C THR A 242 -7.94 16.28 2.57
N MET A 243 -6.74 15.71 2.62
CA MET A 243 -5.94 15.70 3.85
C MET A 243 -5.56 17.12 4.25
N MET A 244 -5.48 17.36 5.56
CA MET A 244 -4.97 18.64 6.06
CA MET A 244 -4.98 18.65 6.01
C MET A 244 -3.48 18.74 5.70
N LYS A 245 -3.04 19.97 5.41
CA LYS A 245 -1.66 20.24 5.03
C LYS A 245 -0.68 19.80 6.12
N GLU A 246 -1.13 19.83 7.38
CA GLU A 246 -0.33 19.37 8.53
C GLU A 246 0.00 17.88 8.44
N GLU A 247 -0.93 17.10 7.89
CA GLU A 247 -0.74 15.66 7.70
C GLU A 247 -0.03 15.34 6.38
N MET A 248 -0.52 15.93 5.30
CA MET A 248 0.10 15.80 3.97
C MET A 248 0.18 17.13 3.23
N ASP A 249 1.39 17.56 2.91
CA ASP A 249 1.62 18.80 2.19
C ASP A 249 1.94 18.50 0.72
N HIS A 250 0.93 18.65 -0.12
CA HIS A 250 1.06 18.34 -1.54
C HIS A 250 1.97 19.30 -2.30
N SER A 251 2.22 20.49 -1.73
CA SER A 251 3.17 21.43 -2.32
C SER A 251 4.62 20.96 -2.17
N VAL A 252 4.87 20.08 -1.19
CA VAL A 252 6.17 19.42 -1.05
C VAL A 252 6.32 18.37 -2.16
N SER A 253 5.40 17.40 -2.17
CA SER A 253 5.34 16.41 -3.23
C SER A 253 3.90 15.92 -3.28
N PRO A 254 3.29 15.89 -4.49
CA PRO A 254 1.92 15.42 -4.56
C PRO A 254 1.83 13.91 -4.29
N PHE A 255 0.74 13.44 -3.68
CA PHE A 255 0.57 11.99 -3.48
C PHE A 255 0.60 11.23 -4.82
N MET A 256 -0.18 11.73 -5.78
CA MET A 256 -0.18 11.20 -7.14
C MET A 256 0.95 11.88 -7.89
N ARG A 257 2.14 11.29 -7.76
CA ARG A 257 3.38 11.98 -8.09
C ARG A 257 3.71 11.89 -9.58
N LYS A 258 4.05 10.69 -10.05
CA LYS A 258 4.31 10.46 -11.47
C LYS A 258 3.50 9.30 -12.03
N GLY A 259 3.29 8.27 -11.23
CA GLY A 259 2.48 7.12 -11.62
C GLY A 259 3.02 6.29 -12.78
N ILE A 260 4.35 6.20 -12.89
CA ILE A 260 5.02 5.41 -13.93
C ILE A 260 5.86 4.28 -13.32
N SER A 261 6.39 3.42 -14.18
CA SER A 261 7.44 2.49 -13.79
C SER A 261 8.76 2.98 -14.38
N GLY A 262 9.83 2.88 -13.60
CA GLY A 262 11.13 3.30 -14.09
C GLY A 262 11.55 4.71 -13.68
N ASP A 263 10.80 5.36 -12.79
CA ASP A 263 11.26 6.64 -12.26
C ASP A 263 12.57 6.52 -11.47
N TRP A 264 12.90 5.31 -11.03
CA TRP A 264 14.16 5.10 -10.31
C TRP A 264 15.35 5.62 -11.11
N LYS A 265 15.26 5.56 -12.44
CA LYS A 265 16.36 6.02 -13.31
C LYS A 265 16.64 7.50 -13.14
N ASN A 266 15.60 8.27 -12.82
CA ASN A 266 15.74 9.70 -12.57
C ASN A 266 16.34 10.07 -11.20
N GLN A 267 16.29 9.12 -10.25
CA GLN A 267 16.74 9.36 -8.89
C GLN A 267 18.08 8.73 -8.53
N PHE A 268 18.30 7.50 -8.97
CA PHE A 268 19.49 6.75 -8.61
C PHE A 268 20.67 7.25 -9.43
N THR A 269 21.80 7.53 -8.76
CA THR A 269 23.07 7.61 -9.51
C THR A 269 23.44 6.20 -9.98
N VAL A 270 24.29 6.13 -11.00
CA VAL A 270 24.74 4.84 -11.54
C VAL A 270 25.41 4.01 -10.42
N ALA A 271 26.21 4.68 -9.59
CA ALA A 271 26.88 4.02 -8.46
C ALA A 271 25.88 3.47 -7.43
N GLN A 272 24.89 4.30 -7.08
CA GLN A 272 23.81 3.88 -6.15
C GLN A 272 23.07 2.67 -6.71
N TYR A 273 22.83 2.68 -8.01
CA TYR A 273 22.17 1.58 -8.71
C TYR A 273 22.99 0.30 -8.61
N GLU A 274 24.27 0.37 -8.95
CA GLU A 274 25.11 -0.84 -8.92
C GLU A 274 25.18 -1.42 -7.51
N LYS A 275 25.38 -0.55 -6.52
CA LYS A 275 25.42 -0.95 -5.11
C LYS A 275 24.08 -1.56 -4.64
N PHE A 276 22.98 -0.93 -5.04
CA PHE A 276 21.65 -1.40 -4.69
C PHE A 276 21.39 -2.79 -5.29
N GLU A 277 21.81 -3.00 -6.53
CA GLU A 277 21.60 -4.27 -7.21
C GLU A 277 22.39 -5.41 -6.59
N GLU A 278 23.64 -5.15 -6.23
CA GLU A 278 24.49 -6.16 -5.60
C GLU A 278 23.84 -6.63 -4.29
N ASP A 279 23.40 -5.66 -3.49
CA ASP A 279 22.71 -5.92 -2.25
C ASP A 279 21.39 -6.70 -2.47
N TYR A 280 20.63 -6.27 -3.48
CA TYR A 280 19.34 -6.87 -3.84
C TYR A 280 19.45 -8.35 -4.17
N VAL A 281 20.43 -8.71 -5.02
CA VAL A 281 20.62 -10.09 -5.43
C VAL A 281 20.85 -10.99 -4.22
N LYS A 282 21.65 -10.49 -3.27
CA LYS A 282 21.97 -11.24 -2.05
C LYS A 282 20.73 -11.46 -1.19
N LYS A 283 19.87 -10.44 -1.11
CA LYS A 283 18.66 -10.51 -0.29
C LYS A 283 17.53 -11.30 -0.94
N MET A 284 17.55 -11.42 -2.27
CA MET A 284 16.41 -11.98 -2.99
C MET A 284 16.65 -13.34 -3.68
N GLU A 285 17.82 -13.94 -3.51
CA GLU A 285 18.07 -15.23 -4.19
C GLU A 285 17.45 -16.46 -3.48
N ASP A 286 17.03 -16.29 -2.22
CA ASP A 286 16.26 -17.34 -1.53
C ASP A 286 14.80 -17.37 -1.95
N SER A 287 14.43 -16.58 -2.96
CA SER A 287 13.03 -16.44 -3.33
C SER A 287 12.77 -16.63 -4.82
N THR A 288 11.65 -17.26 -5.15
CA THR A 288 11.28 -17.46 -6.56
C THR A 288 10.60 -16.22 -7.12
N LEU A 289 10.37 -15.24 -6.25
CA LEU A 289 9.78 -13.95 -6.63
C LEU A 289 10.61 -13.24 -7.70
N LYS A 290 9.98 -12.81 -8.79
CA LYS A 290 10.68 -12.08 -9.85
C LYS A 290 9.96 -10.77 -10.22
N PHE A 291 10.73 -9.70 -10.38
CA PHE A 291 10.21 -8.35 -10.70
C PHE A 291 10.78 -7.79 -11.99
N ARG A 292 10.06 -6.82 -12.55
CA ARG A 292 10.56 -5.99 -13.65
C ARG A 292 10.75 -4.57 -13.13
N SER A 293 11.83 -3.91 -13.56
CA SER A 293 12.14 -2.54 -13.11
C SER A 293 11.79 -1.49 -14.18
N GLU A 294 11.35 -1.96 -15.34
CA GLU A 294 10.90 -1.10 -16.44
C GLU A 294 9.66 -1.69 -17.11
S2 PPS B . 0.50 4.35 0.04
OS1 PPS B . 0.69 5.53 0.89
OS2 PPS B . -0.94 3.95 0.05
OS3 PPS B . 1.32 3.20 0.49
O6P PPS B . 0.97 4.73 -1.47
P2 PPS B . 0.46 3.75 -2.62
O4P PPS B . -0.95 4.12 -3.04
O5P PPS B . 0.77 2.31 -2.25
O5' PPS B . 1.39 4.10 -3.89
C5' PPS B . 1.46 5.44 -4.36
C4' PPS B . 2.16 5.33 -5.70
O4' PPS B . 1.23 4.77 -6.64
C1' PPS B . 1.06 5.68 -7.72
N9 PPS B . -0.32 5.62 -8.24
C4 PPS B . -0.63 5.18 -9.46
N3 PPS B . 0.10 4.73 -10.52
C2 PPS B . -0.51 4.37 -11.68
N1 PPS B . -1.84 4.43 -11.84
C6 PPS B . -2.68 4.87 -10.85
N6 PPS B . -4.02 4.96 -11.01
C5 PPS B . -2.09 5.29 -9.55
N7 PPS B . -2.54 5.77 -8.39
C8 PPS B . -1.46 5.96 -7.59
C2' PPS B . 1.40 7.04 -7.10
O2' PPS B . 1.68 8.07 -8.06
C3' PPS B . 2.62 6.66 -6.28
O3' PPS B . 3.73 6.37 -7.13
P1 PPS B . 4.87 7.46 -7.50
O1P PPS B . 5.25 8.17 -6.23
O2P PPS B . 4.15 8.34 -8.51
O3P PPS B . 5.96 6.61 -8.13
C1 NPO C . 0.56 7.50 5.52
C2 NPO C . -0.59 7.48 4.73
C3 NPO C . -0.81 6.39 3.88
C4 NPO C . 0.13 5.34 3.87
C5 NPO C . 1.27 5.36 4.67
C6 NPO C . 1.49 6.46 5.50
OH NPO C . -0.11 4.30 3.05
N1 NPO C . 0.81 8.60 6.36
O2 NPO C . 1.80 8.56 7.08
O3 NPO C . 0.09 9.59 6.36
C1 NPO D . -3.83 10.09 7.72
C2 NPO D . -5.13 9.74 8.06
C3 NPO D . -5.73 8.63 7.47
C4 NPO D . -5.02 7.89 6.52
C5 NPO D . -3.71 8.26 6.15
C6 NPO D . -3.12 9.36 6.76
OH NPO D . -5.58 6.81 5.93
N1 NPO D . -3.24 11.21 8.33
O2 NPO D . -2.06 11.47 8.11
O3 NPO D . -3.88 11.93 9.07
C1 GOL E . -20.64 -5.56 -23.61
O1 GOL E . -20.65 -4.99 -22.30
C2 GOL E . -21.15 -4.60 -24.69
O2 GOL E . -20.31 -4.66 -25.82
C3 GOL E . -22.62 -4.87 -25.08
O3 GOL E . -22.87 -4.95 -26.48
C1 GOL F . -1.30 14.59 -6.02
O1 GOL F . -2.21 13.90 -5.20
C2 GOL F . -1.86 15.89 -6.61
O2 GOL F . -3.04 15.58 -7.31
C3 GOL F . -2.09 16.92 -5.50
O3 GOL F . -1.26 18.05 -5.65
C1 GOL G . -19.27 8.09 -15.89
O1 GOL G . -18.03 8.54 -16.36
C2 GOL G . -20.41 8.67 -16.71
O2 GOL G . -21.33 7.64 -17.02
C3 GOL G . -21.10 9.73 -15.85
O3 GOL G . -21.60 10.79 -16.65
C1 GOL H . 5.69 -8.46 -12.66
O1 GOL H . 6.45 -7.82 -13.66
C2 GOL H . 5.92 -9.96 -12.60
O2 GOL H . 7.29 -10.26 -12.63
C3 GOL H . 5.20 -10.65 -13.75
O3 GOL H . 3.97 -11.15 -13.28
C1 GOL I . -5.56 -19.34 12.02
O1 GOL I . -5.67 -20.02 10.77
C2 GOL I . -4.19 -19.39 12.71
O2 GOL I . -3.20 -20.08 11.97
C3 GOL I . -3.69 -17.98 12.96
O3 GOL I . -3.31 -17.81 14.31
C1 GOL J . -16.04 -18.51 -10.84
O1 GOL J . -16.71 -18.86 -9.64
C2 GOL J . -15.53 -17.07 -10.76
O2 GOL J . -14.12 -17.06 -10.63
C3 GOL J . -15.95 -16.26 -11.99
O3 GOL J . -17.15 -15.57 -11.72
#